data_5MVB
#
_entry.id   5MVB
#
loop_
_entity.id
_entity.type
_entity.pdbx_description
1 polymer 'DNA (26-MER)'
2 non-polymer 'POTASSIUM ION'
3 non-polymer "bis(m2-Oxo)-bis(2-methyl-2,2'-bipyridine)-di-gold(iii)"
#
_entity_poly.entity_id   1
_entity_poly.type   'polydeoxyribonucleotide'
_entity_poly.pdbx_seq_one_letter_code
;(DT)(DT)(DA)(DG)(DG)(DG)(DT)(DT)(DA)(DG)(DG)(DG)(DT)(DT)(DA)(DG)(DG)(DG)(DT)(DT)
(DA)(DG)(DG)(DG)(DT)(DT)
;
_entity_poly.pdbx_strand_id   A
#
loop_
_chem_comp.id
_chem_comp.type
_chem_comp.name
_chem_comp.formula
AUZ non-polymer bis(m2-Oxo)-bis(2-methyl-2,2'-bipyridine)-di-gold(iii) 'C24 H24 Au2 N4 O2 4'
DA DNA linking 2'-DEOXYADENOSINE-5'-MONOPHOSPHATE 'C10 H14 N5 O6 P'
DG DNA linking 2'-DEOXYGUANOSINE-5'-MONOPHOSPHATE 'C10 H14 N5 O7 P'
DT DNA linking THYMIDINE-5'-MONOPHOSPHATE 'C10 H15 N2 O8 P'
K non-polymer 'POTASSIUM ION' 'K 1'
#
# COMPACT_ATOMS: atom_id res chain seq x y z
K K B . -2.59 1.36 -3.69
K K C . -5.11 3.14 -6.97
C11 AUZ D . -3.24 -2.47 0.61
C12 AUZ D . -1.91 1.87 3.61
C14 AUZ D . 3.48 2.11 0.98
C13 AUZ D . 2.25 -2.13 -2.14
N11 AUZ D . -2.98 -1.37 1.35
C21 AUZ D . -4.48 -3.07 0.67
C31 AUZ D . -5.45 -2.54 1.48
C41 AUZ D . -5.20 -1.44 2.23
C51 AUZ D . -3.94 -0.85 2.16
C61 AUZ D . -2.16 -3.07 -0.25
N12 AUZ D . -2.31 0.82 2.85
C22 AUZ D . -2.76 2.45 4.51
C32 AUZ D . -4.04 1.96 4.65
C42 AUZ D . -4.46 0.90 3.89
C52 AUZ D . -3.57 0.33 2.99
C62 AUZ D . -0.52 2.41 3.44
N14 AUZ D . 3.19 1.12 0.11
C24 AUZ D . 4.63 2.85 0.82
C34 AUZ D . 5.48 2.60 -0.22
C44 AUZ D . 5.18 1.59 -1.10
C54 AUZ D . 4.03 0.85 -0.92
C64 AUZ D . 2.59 2.38 2.14
N13 AUZ D . 2.56 -1.00 -1.47
C23 AUZ D . 3.09 -2.60 -3.13
C33 AUZ D . 4.25 -1.94 -3.41
C43 AUZ D . 4.57 -0.80 -2.72
C63 AUZ D . 0.96 -2.85 -1.83
AU1 AUZ D . -1.22 -0.22 1.39
AU2 AUZ D . 1.47 -0.06 0.05
O2 AUZ D . 0.42 0.87 1.43
O1 AUZ D . -0.18 -1.14 0.00
C53 AUZ D . 3.71 -0.35 -1.74
H21 AUZ D . -4.69 -3.96 0.08
H31 AUZ D . -6.44 -3.00 1.50
H41 AUZ D . -5.96 -1.03 2.89
H613 AUZ D . -1.28 -3.29 0.36
H611 AUZ D . -1.90 -2.37 -1.04
H612 AUZ D . -2.52 -3.99 -0.70
H22 AUZ D . -2.45 3.31 5.10
H32 AUZ D . -4.72 2.41 5.38
H42 AUZ D . -5.47 0.51 4.00
H623 AUZ D . -0.45 2.94 2.49
H622 AUZ D . 0.20 1.58 3.46
H621 AUZ D . -0.29 3.09 4.26
H24 AUZ D . 4.88 3.61 1.56
H34 AUZ D . 6.38 3.19 -0.36
H44 AUZ D . 5.85 1.40 -1.95
H643 AUZ D . 3.11 2.98 2.88
H641 AUZ D . 2.29 1.43 2.60
H642 AUZ D . 1.70 2.92 1.79
H23 AUZ D . 2.84 -3.51 -3.66
H33 AUZ D . 4.92 -2.31 -4.18
H43 AUZ D . 5.50 -0.27 -2.96
H633 AUZ D . 1.00 -3.85 -2.26
H631 AUZ D . 0.13 -2.31 -2.26
H632 AUZ D . 0.85 -2.93 -0.76
K K B . -2.58 1.96 -4.02
K K C . -5.32 3.52 -7.16
C11 AUZ D . -2.81 1.03 2.73
C12 AUZ D . -2.66 -2.97 -0.94
C14 AUZ D . 2.90 -1.21 -2.61
C13 AUZ D . 2.49 3.07 0.72
N11 AUZ D . -2.80 -0.01 1.86
C21 AUZ D . -3.83 1.16 3.65
C31 AUZ D . -4.83 0.22 3.70
C41 AUZ D . -4.83 -0.83 2.83
C51 AUZ D . -3.79 -0.93 1.90
C61 AUZ D . -1.73 2.06 2.66
N12 AUZ D . -2.72 -2.04 0.03
C22 AUZ D . -3.67 -3.89 -1.08
C32 AUZ D . -4.73 -3.87 -0.23
C42 AUZ D . -4.79 -2.93 0.77
C52 AUZ D . -3.77 -2.01 0.87
C62 AUZ D . -1.47 -3.05 -1.83
N14 AUZ D . 2.87 -0.12 -1.80
C24 AUZ D . 4.01 -1.46 -3.38
C34 AUZ D . 5.10 -0.62 -3.33
C44 AUZ D . 5.08 0.49 -2.51
C54 AUZ D . 3.93 0.72 -1.75
C64 AUZ D . 1.72 -2.14 -2.65
N13 AUZ D . 2.67 2.01 -0.12
C23 AUZ D . 3.45 4.04 0.81
C33 AUZ D . 4.60 3.94 0.07
C43 AUZ D . 4.79 2.88 -0.77
C63 AUZ D . 1.23 3.17 1.53
AU1 AUZ D . -1.34 -0.52 0.45
AU2 AUZ D . 1.35 0.43 -0.48
O2 AUZ D . 0.08 -1.01 -0.84
O1 AUZ D . -0.06 0.93 0.80
C53 AUZ D . 3.81 1.91 -0.85
H21 AUZ D . -3.83 2.00 4.34
H31 AUZ D . -5.63 0.31 4.43
H41 AUZ D . -5.60 -1.60 2.89
H613 AUZ D . -1.54 2.30 1.62
H611 AUZ D . -0.81 1.65 3.11
H612 AUZ D . -2.04 2.95 3.19
H22 AUZ D . -3.63 -4.63 -1.87
H32 AUZ D . -5.53 -4.60 -0.32
H42 AUZ D . -5.60 -2.93 1.47
H623 AUZ D . -0.60 -3.32 -1.25
H622 AUZ D . -1.31 -2.08 -2.31
H621 AUZ D . -1.64 -3.80 -2.61
H24 AUZ D . 4.04 -2.35 -4.03
H34 AUZ D . 5.99 -0.83 -3.93
H44 AUZ D . 5.95 1.14 -2.44
H643 AUZ D . 1.62 -2.68 -1.69
H641 AUZ D . 1.84 -2.86 -3.45
H642 AUZ D . 0.79 -1.57 -2.81
H23 AUZ D . 3.30 4.88 1.48
H33 AUZ D . 5.35 4.73 0.12
H43 AUZ D . 5.72 2.79 -1.35
H633 AUZ D . 1.21 4.12 2.04
H631 AUZ D . 1.18 2.36 2.24
H632 AUZ D . 0.37 3.11 0.85
K K B . -2.62 1.37 -4.30
K K C . -5.18 3.47 -7.24
C11 AUZ D . -3.25 -2.12 -0.44
C12 AUZ D . -2.04 1.60 3.32
C14 AUZ D . 3.42 2.25 1.07
C13 AUZ D . 2.31 -1.29 -2.93
N11 AUZ D . -3.00 -1.23 0.55
C21 AUZ D . -4.44 -2.81 -0.44
C31 AUZ D . -5.37 -2.59 0.53
C41 AUZ D . -5.11 -1.68 1.52
C51 AUZ D . -3.91 -0.99 1.51
C61 AUZ D . -2.23 -2.36 -1.51
N12 AUZ D . -2.38 0.64 2.44
C22 AUZ D . -2.88 1.95 4.34
C32 AUZ D . -4.10 1.31 4.46
C42 AUZ D . -4.46 0.36 3.57
C52 AUZ D . -3.58 0.03 2.55
C62 AUZ D . -0.71 2.29 3.18
N14 AUZ D . 3.18 1.45 0.00
C24 AUZ D . 4.56 3.02 1.10
C34 AUZ D . 5.46 2.96 0.06
C44 AUZ D . 5.22 2.13 -1.01
C54 AUZ D . 4.06 1.36 -1.01
C64 AUZ D . 2.47 2.27 2.23
N13 AUZ D . 2.61 -0.33 -2.01
C23 AUZ D . 3.22 -1.59 -3.93
C33 AUZ D . 4.42 -0.91 -3.99
C43 AUZ D . 4.71 0.05 -3.06
C63 AUZ D . 0.99 -2.00 -2.88
AU1 AUZ D . -1.27 -0.10 0.84
AU2 AUZ D . 1.47 0.31 -0.37
O2 AUZ D . 0.38 0.95 1.14
O1 AUZ D . -0.18 -0.74 -0.68
C53 AUZ D . 3.79 0.33 -2.07
H21 AUZ D . -4.64 -3.54 -1.22
H31 AUZ D . -6.33 -3.11 0.51
H41 AUZ D . -5.86 -1.50 2.30
H613 AUZ D . -1.38 -2.89 -1.08
H611 AUZ D . -1.89 -1.40 -1.91
H612 AUZ D . -2.67 -2.96 -2.30
H22 AUZ D . -2.60 2.74 5.03
H32 AUZ D . -4.75 1.57 5.28
H42 AUZ D . -5.43 -0.13 3.65
H623 AUZ D . -0.67 3.13 3.86
H622 AUZ D . -0.59 2.63 2.15
H621 AUZ D . 0.08 1.59 3.42
H24 AUZ D . 4.76 3.67 1.95
H34 AUZ D . 6.35 3.57 0.08
H44 AUZ D . 5.92 2.08 -1.83
H643 AUZ D . 2.17 1.25 2.46
H641 AUZ D . 1.60 2.86 1.97
H642 AUZ D . 2.96 2.69 3.11
H23 AUZ D . 2.98 -2.35 -4.67
H33 AUZ D . 5.14 -1.14 -4.77
H43 AUZ D . 5.66 0.58 -3.12
H633 AUZ D . 0.18 -1.27 -2.98
H631 AUZ D . 0.88 -2.52 -1.93
H632 AUZ D . 0.93 -2.73 -3.70
K K B . -2.17 1.64 -3.92
K K C . -4.83 3.58 -7.22
C11 AUZ D . -2.89 1.16 3.51
C12 AUZ D . -2.83 -2.53 -0.48
C14 AUZ D . 2.84 -0.99 -1.86
C13 AUZ D . 2.69 2.93 1.93
N11 AUZ D . -2.91 0.20 2.56
C21 AUZ D . -3.93 1.27 4.40
C31 AUZ D . -4.99 0.42 4.34
C41 AUZ D . -5.03 -0.55 3.36
C51 AUZ D . -3.97 -0.65 2.48
C61 AUZ D . -1.72 2.09 3.61
N12 AUZ D . -2.88 -1.67 0.56
C22 AUZ D . -3.88 -3.38 -0.73
C32 AUZ D . -4.97 -3.36 0.08
C42 AUZ D . -5.03 -2.50 1.13
C52 AUZ D . -3.97 -1.65 1.36
C62 AUZ D . -1.61 -2.60 -1.35
N14 AUZ D . 2.87 0.00 -0.93
C24 AUZ D . 3.93 -1.22 -2.65
C34 AUZ D . 5.07 -0.47 -2.50
C44 AUZ D . 5.11 0.53 -1.56
C54 AUZ D . 3.98 0.75 -0.77
C64 AUZ D . 1.60 -1.83 -2.01
N13 AUZ D . 2.79 1.96 0.98
C23 AUZ D . 3.75 3.76 2.19
C33 AUZ D . 4.92 3.60 1.50
C43 AUZ D . 5.04 2.64 0.54
C63 AUZ D . 1.39 3.12 2.68
AU1 AUZ D . -1.43 -0.28 1.15
AU2 AUZ D . 1.35 0.55 0.41
O2 AUZ D . -0.02 -0.75 -0.12
O1 AUZ D . -0.07 1.03 1.68
C53 AUZ D . 3.95 1.82 0.29
H21 AUZ D . -3.90 2.05 5.17
H31 AUZ D . -5.82 0.51 5.04
H41 AUZ D . -5.88 -1.24 3.31
H613 AUZ D . -0.84 1.55 3.97
H611 AUZ D . -1.95 2.91 4.29
H612 AUZ D . -1.50 2.51 2.62
H22 AUZ D . -3.85 -4.08 -1.57
H32 AUZ D . -5.81 -4.04 -0.12
H42 AUZ D . -5.87 -2.53 1.81
H623 AUZ D . -1.45 -1.64 -1.83
H622 AUZ D . -1.74 -3.38 -2.10
H621 AUZ D . -0.75 -2.85 -0.73
H24 AUZ D . 3.91 -2.01 -3.41
H34 AUZ D . 5.94 -0.65 -3.12
H44 AUZ D . 6.01 1.14 -1.44
H643 AUZ D . 1.34 -2.29 -1.06
H641 AUZ D . 1.78 -2.62 -2.75
H642 AUZ D . 0.76 -1.22 -2.35
H23 AUZ D . 3.66 4.52 2.95
H33 AUZ D . 5.76 4.28 1.70
H43 AUZ D . 5.97 2.51 -0.01
H633 AUZ D . 0.56 3.07 1.98
H631 AUZ D . 1.40 4.08 3.18
H632 AUZ D . 1.28 2.31 3.41
K K B . -2.44 1.60 -4.15
K K C . -5.37 3.59 -7.18
C11 AUZ D . 3.71 -0.58 -3.33
C12 AUZ D . 2.54 2.41 1.05
C14 AUZ D . -2.55 -0.68 1.78
C13 AUZ D . -1.17 -4.00 -2.26
N11 AUZ D . 3.47 0.22 -2.27
C21 AUZ D . 4.81 -0.38 -4.12
C31 AUZ D . 5.69 0.64 -3.82
C41 AUZ D . 5.46 1.45 -2.73
C51 AUZ D . 4.33 1.21 -1.96
C61 AUZ D . 2.73 -1.67 -3.67
N12 AUZ D . 2.88 1.73 -0.07
C22 AUZ D . 3.33 3.45 1.49
C32 AUZ D . 4.48 3.78 0.80
C42 AUZ D . 4.83 3.09 -0.32
C52 AUZ D . 4.01 2.05 -0.75
C62 AUZ D . 1.30 2.02 1.82
N14 AUZ D . -2.32 -1.48 0.73
C24 AUZ D . -3.72 -0.79 2.48
C34 AUZ D . -4.65 -1.73 2.12
C44 AUZ D . -4.42 -2.54 1.05
C54 AUZ D . -3.22 -2.41 0.36
C64 AUZ D . -1.53 0.34 2.16
N13 AUZ D . -1.63 -3.14 -1.32
C23 AUZ D . -1.95 -5.05 -2.67
C33 AUZ D . -3.20 -5.24 -2.12
C43 AUZ D . -3.66 -4.38 -1.16
C63 AUZ D . 0.21 -3.81 -2.82
AU1 AUZ D . 1.86 0.12 -0.94
AU2 AUZ D . -0.64 -1.48 -0.52
O2 AUZ D . 0.31 0.07 0.25
O1 AUZ D . 0.91 -1.41 -1.72
C53 AUZ D . -2.84 -3.32 -0.76
H21 AUZ D . 4.98 -0.99 -4.99
H31 AUZ D . 6.57 0.80 -4.43
H41 AUZ D . 6.15 2.25 -2.49
H613 AUZ D . 2.69 -2.40 -2.86
H611 AUZ D . 3.04 -2.17 -4.58
H612 AUZ D . 1.74 -1.23 -3.82
H22 AUZ D . 3.06 3.99 2.38
H32 AUZ D . 5.11 4.60 1.15
H42 AUZ D . 5.75 3.34 -0.87
H623 AUZ D . 1.35 0.96 2.09
H622 AUZ D . 0.42 2.19 1.20
H621 AUZ D . 1.23 2.63 2.73
H24 AUZ D . -3.90 -0.14 3.34
H34 AUZ D . -5.56 -1.83 2.69
H44 AUZ D . -5.16 -3.28 0.75
H643 AUZ D . -1.32 1.00 1.31
H641 AUZ D . -0.60 -0.16 2.46
H642 AUZ D . -1.88 0.95 2.99
H23 AUZ D . -1.58 -5.74 -3.43
H33 AUZ D . -3.82 -6.07 -2.44
H43 AUZ D . -4.65 -4.53 -0.73
H633 AUZ D . 0.26 -2.85 -3.33
H631 AUZ D . 0.43 -4.61 -3.52
H632 AUZ D . 0.93 -3.82 -2.00
K K B . -2.41 1.42 -3.85
K K C . -5.03 2.93 -6.98
C11 AUZ D . -2.95 -2.41 0.19
C12 AUZ D . -1.60 1.71 3.47
C14 AUZ D . 3.69 2.28 0.73
C13 AUZ D . 2.50 -1.77 -2.69
N11 AUZ D . -2.69 -1.35 1.00
C21 AUZ D . -4.17 -3.03 0.26
C31 AUZ D . -5.13 -2.59 1.13
C41 AUZ D . -4.86 -1.54 1.95
C51 AUZ D . -3.62 -0.92 1.88
C61 AUZ D . -1.90 -2.91 -0.74
N12 AUZ D . -2.01 0.71 2.66
C22 AUZ D . -2.45 2.19 4.45
C32 AUZ D . -3.71 1.67 4.58
C42 AUZ D . -4.12 0.67 3.75
C52 AUZ D . -3.25 0.20 2.78
C62 AUZ D . -0.22 2.28 3.34
N14 AUZ D . 3.40 1.36 -0.21
C24 AUZ D . 4.80 3.08 0.59
C34 AUZ D . 5.61 2.94 -0.51
C44 AUZ D . 5.32 2.00 -1.45
C54 AUZ D . 4.20 1.19 -1.27
C64 AUZ D . 2.82 2.42 1.94
N13 AUZ D . 2.78 -0.68 -1.93
C23 AUZ D . 3.35 -2.14 -3.70
C33 AUZ D . 4.48 -1.42 -3.96
C43 AUZ D . 4.78 -0.32 -3.21
C63 AUZ D . 1.25 -2.56 -2.43
AU1 AUZ D . -0.94 -0.19 1.09
AU2 AUZ D . 1.70 0.13 -0.33
O2 AUZ D . 0.67 0.93 1.15
O1 AUZ D . 0.08 -0.99 -0.40
C53 AUZ D . 3.92 0.03 -2.18
H21 AUZ D . -4.38 -3.90 -0.38
H31 AUZ D . -6.10 -3.07 1.16
H41 AUZ D . -5.63 -1.18 2.65
H613 AUZ D . -1.61 -2.11 -1.43
H611 AUZ D . -2.30 -3.75 -1.31
H612 AUZ D . -1.04 -3.24 -0.17
H22 AUZ D . -2.11 2.98 5.11
H32 AUZ D . -4.37 2.06 5.36
H42 AUZ D . -5.13 0.27 3.84
H623 AUZ D . -0.17 2.86 2.42
H622 AUZ D . 0.50 1.46 3.30
H621 AUZ D . -0.02 2.92 4.20
H24 AUZ D . 5.04 3.81 1.36
H34 AUZ D . 6.47 3.58 -0.62
H44 AUZ D . 5.97 1.88 -2.32
H643 AUZ D . 2.50 1.43 2.27
H641 AUZ D . 1.95 3.02 1.70
H642 AUZ D . 3.39 2.89 2.75
H23 AUZ D . 3.11 -3.02 -4.31
H33 AUZ D . 5.15 -1.71 -4.77
H43 AUZ D . 5.68 0.25 -3.40
H633 AUZ D . 1.27 -3.47 -3.02
H631 AUZ D . 0.38 -1.96 -2.73
H632 AUZ D . 1.17 -2.80 -1.37
K K B . -2.36 1.68 -3.71
K K C . -5.06 3.41 -7.13
C11 AUZ D . -2.92 0.79 3.40
C12 AUZ D . -3.04 -2.93 -0.54
C14 AUZ D . 2.47 -1.08 -2.34
C13 AUZ D . 2.25 2.95 1.30
N11 AUZ D . -3.05 -0.10 2.40
C21 AUZ D . -3.93 0.96 4.30
C31 AUZ D . -5.08 0.22 4.20
C41 AUZ D . -5.21 -0.70 3.19
C51 AUZ D . -4.17 -0.85 2.29
C61 AUZ D . -1.67 1.59 3.53
N12 AUZ D . -3.09 -2.00 0.43
C22 AUZ D . -4.11 -3.75 -0.77
C32 AUZ D . -5.24 -3.64 -0.01
C42 AUZ D . -5.29 -2.70 0.99
C52 AUZ D . -4.20 -1.88 1.19
C62 AUZ D . -1.77 -3.13 -1.31
N14 AUZ D . 2.49 -0.07 -1.45
C24 AUZ D . 3.55 -1.28 -3.17
C34 AUZ D . 4.65 -0.45 -3.10
C44 AUZ D . 4.66 0.58 -2.20
C54 AUZ D . 3.56 0.76 -1.37
C64 AUZ D . 1.29 -2.00 -2.40
N13 AUZ D . 2.38 1.95 0.39
C23 AUZ D . 3.24 3.87 1.44
C33 AUZ D . 4.37 3.81 0.67
C43 AUZ D . 4.50 2.81 -0.25
C63 AUZ D . 0.99 3.04 2.12
AU1 AUZ D . -1.65 -0.56 0.90
AU2 AUZ D . 1.02 0.42 -0.04
O2 AUZ D . -0.30 -0.98 -0.46
O1 AUZ D . -0.33 0.84 1.31
C53 AUZ D . 3.49 1.88 -0.38
H21 AUZ D . -3.82 1.68 5.11
H31 AUZ D . -5.88 0.36 4.91
H41 AUZ D . -6.12 -1.28 3.10
H613 AUZ D . -1.68 2.14 4.48
H611 AUZ D . -1.59 2.29 2.71
H612 AUZ D . -0.80 0.92 3.52
H22 AUZ D . -4.07 -4.50 -1.56
H32 AUZ D . -6.09 -4.29 -0.18
H42 AUZ D . -6.16 -2.63 1.62
H623 AUZ D . -1.92 -3.90 -2.05
H622 AUZ D . -0.98 -3.43 -0.62
H621 AUZ D . -1.49 -2.20 -1.80
H24 AUZ D . 3.54 -2.10 -3.88
H34 AUZ D . 5.49 -0.60 -3.76
H44 AUZ D . 5.53 1.24 -2.13
H643 AUZ D . 1.15 -2.50 -1.42
H641 AUZ D . 1.44 -2.76 -3.17
H642 AUZ D . 0.39 -1.43 -2.62
H23 AUZ D . 3.13 4.67 2.18
H33 AUZ D . 5.16 4.55 0.79
H43 AUZ D . 5.40 2.77 -0.87
H633 AUZ D . 1.05 3.92 2.75
H631 AUZ D . 0.90 2.15 2.74
H632 AUZ D . 0.12 3.10 1.46
K K B . -2.51 1.53 -4.10
K K C . -5.08 3.65 -7.17
C11 AUZ D . -2.99 -2.03 0.22
C12 AUZ D . -2.07 2.24 3.45
C14 AUZ D . 3.34 2.96 0.88
C13 AUZ D . 2.50 -1.46 -2.20
N11 AUZ D . -2.83 -0.95 1.01
C21 AUZ D . -4.21 -2.67 0.16
C31 AUZ D . -5.25 -2.21 0.93
C41 AUZ D . -5.08 -1.14 1.73
C51 AUZ D . -3.85 -0.51 1.77
C61 AUZ D . -1.82 -2.56 -0.56
N12 AUZ D . -2.38 1.21 2.62
C22 AUZ D . -3.00 2.68 4.36
C32 AUZ D . -4.24 2.09 4.44
C42 AUZ D . -4.55 1.07 3.59
C52 AUZ D . -3.60 0.63 2.68
C62 AUZ D . -0.72 2.87 3.38
N14 AUZ D . 3.18 1.89 0.06
C24 AUZ D . 4.47 3.73 0.79
C34 AUZ D . 5.44 3.42 -0.12
C44 AUZ D . 5.29 2.34 -0.95
C54 AUZ D . 4.13 1.57 -0.84
C64 AUZ D . 2.27 3.31 1.87
N13 AUZ D . 2.75 -0.32 -1.50
C23 AUZ D . 3.43 -1.92 -3.11
C33 AUZ D . 4.61 -1.24 -3.30
C43 AUZ D . 4.86 -0.09 -2.60
C63 AUZ D . 1.20 -2.20 -1.98
AU1 AUZ D . -1.17 0.29 1.18
AU2 AUZ D . 1.54 0.61 -0.06
O2 AUZ D . 0.41 1.46 1.30
O1 AUZ D . -0.04 -0.56 -0.18
C53 AUZ D . 3.91 0.35 -1.69
H21 AUZ D . -4.33 -3.55 -0.48
H31 AUZ D . -6.23 -2.66 0.85
H41 AUZ D . -5.89 -0.79 2.37
H613 AUZ D . -2.10 -3.48 -1.07
H611 AUZ D . -0.99 -2.77 0.11
H612 AUZ D . -1.51 -1.82 -1.30
H22 AUZ D . -2.74 3.48 5.05
H32 AUZ D . -4.96 2.41 5.18
H42 AUZ D . -5.54 0.61 3.63
H623 AUZ D . -0.58 3.31 2.39
H622 AUZ D . 0.04 2.12 3.56
H621 AUZ D . -0.64 3.66 4.14
H24 AUZ D . 4.60 4.58 1.46
H34 AUZ D . 6.34 4.04 -0.19
H44 AUZ D . 6.06 2.09 -1.68
H643 AUZ D . 2.05 2.45 2.50
H641 AUZ D . 1.37 3.61 1.33
H642 AUZ D . 2.61 4.13 2.50
H23 AUZ D . 3.23 -2.83 -3.69
H33 AUZ D . 5.36 -1.60 -4.00
H43 AUZ D . 5.80 0.45 -2.74
H633 AUZ D . 1.18 -2.61 -0.97
H631 AUZ D . 1.12 -3.02 -2.70
H632 AUZ D . 0.36 -1.52 -2.13
K K B . -2.39 1.78 -4.04
K K C . -5.18 3.62 -7.32
C11 AUZ D . -3.04 0.63 2.88
C12 AUZ D . -2.65 -3.14 -1.03
C14 AUZ D . 2.83 -0.86 -2.54
C13 AUZ D . 2.23 2.90 1.33
N11 AUZ D . -3.01 -0.32 1.90
C21 AUZ D . -4.11 0.69 3.74
C31 AUZ D . -5.13 -0.22 3.63
C41 AUZ D . -5.11 -1.16 2.65
C51 AUZ D . -4.02 -1.20 1.78
C61 AUZ D . -1.91 1.59 3.01
N12 AUZ D . -2.81 -2.21 -0.05
C22 AUZ D . -3.62 -4.06 -1.27
C32 AUZ D . -4.76 -4.07 -0.52
C42 AUZ D . -4.92 -3.14 0.47
C52 AUZ D . -3.92 -2.21 0.69
C62 AUZ D . -1.39 -3.19 -1.80
N14 AUZ D . 2.74 0.12 -1.62
C24 AUZ D . 3.93 -0.92 -3.36
C34 AUZ D . 4.93 0.01 -3.25
C44 AUZ D . 4.84 1.01 -2.30
C54 AUZ D . 3.72 1.04 -1.49
C64 AUZ D . 1.74 -1.89 -2.63
N13 AUZ D . 2.44 2.01 0.34
C23 AUZ D . 3.16 3.88 1.57
C33 AUZ D . 4.29 3.97 0.80
C43 AUZ D . 4.50 3.07 -0.21
C63 AUZ D . 1.00 2.80 2.19
AU1 AUZ D . -1.50 -0.68 0.50
AU2 AUZ D . 1.18 0.44 -0.25
O2 AUZ D . -0.04 -1.01 -0.77
O1 AUZ D . -0.28 0.77 1.02
C53 AUZ D . 3.55 2.08 -0.44
H21 AUZ D . -4.12 1.43 4.53
H31 AUZ D . -5.98 -0.16 4.31
H41 AUZ D . -5.91 -1.89 2.57
H613 AUZ D . -2.11 2.27 3.84
H611 AUZ D . -1.80 2.16 2.09
H612 AUZ D . -0.99 1.04 3.21
H22 AUZ D . -3.50 -4.80 -2.06
H32 AUZ D . -5.55 -4.80 -0.71
H42 AUZ D . -5.81 -3.15 1.09
H623 AUZ D . -0.56 -3.42 -1.13
H622 AUZ D . -1.22 -2.22 -2.28
H621 AUZ D . -1.47 -3.96 -2.56
H24 AUZ D . 4.00 -1.71 -4.11
H34 AUZ D . 5.80 -0.04 -3.91
H44 AUZ D . 5.65 1.74 -2.21
H643 AUZ D . 1.63 -2.39 -1.66
H641 AUZ D . 2.01 -2.64 -3.39
H642 AUZ D . 0.80 -1.42 -2.91
H23 AUZ D . 2.98 4.61 2.37
H33 AUZ D . 5.02 4.75 0.99
H43 AUZ D . 5.39 3.14 -0.83
H633 AUZ D . 0.12 2.94 1.57
H631 AUZ D . 1.03 3.56 2.96
H632 AUZ D . 0.96 1.81 2.64
K K B . -1.90 1.70 -4.20
K K C . -4.81 3.39 -6.98
C11 AUZ D . 3.67 -0.68 -3.16
C12 AUZ D . 2.19 2.77 0.76
C14 AUZ D . -2.75 -0.43 1.80
C13 AUZ D . -1.40 -3.98 -2.09
N11 AUZ D . 3.38 0.19 -2.17
C21 AUZ D . 4.84 -0.56 -3.86
C31 AUZ D . 5.72 0.46 -3.56
C41 AUZ D . 5.43 1.34 -2.57
C51 AUZ D . 4.23 1.20 -1.87
C61 AUZ D . 2.71 -1.78 -3.49
N12 AUZ D . 2.63 1.94 -0.20
C22 AUZ D . 2.96 3.84 1.15
C32 AUZ D . 4.18 4.06 0.57
C42 AUZ D . 4.63 3.23 -0.42
C52 AUZ D . 3.83 2.15 -0.79
C62 AUZ D . 0.86 2.54 1.42
N14 AUZ D . -2.50 -1.31 0.80
C24 AUZ D . -3.92 -0.49 2.51
C34 AUZ D . -4.85 -1.45 2.20
C44 AUZ D . -4.61 -2.35 1.19
C54 AUZ D . -3.41 -2.27 0.49
C64 AUZ D . -1.70 0.57 2.18
N13 AUZ D . -1.82 -3.08 -1.16
C23 AUZ D . -2.17 -5.06 -2.41
C33 AUZ D . -3.38 -5.25 -1.79
C43 AUZ D . -3.81 -4.35 -0.85
C63 AUZ D . -0.09 -3.78 -2.80
AU1 AUZ D . 1.68 0.22 -0.94
AU2 AUZ D . -0.83 -1.38 -0.45
O2 AUZ D . 0.09 0.23 0.21
O1 AUZ D . 0.76 -1.40 -1.61
C53 AUZ D . -3.01 -3.26 -0.54
H21 AUZ D . 5.08 -1.26 -4.66
H31 AUZ D . 6.64 0.56 -4.13
H41 AUZ D . 6.13 2.14 -2.32
H613 AUZ D . 3.09 -2.37 -4.31
H611 AUZ D . 1.75 -1.33 -3.78
H612 AUZ D . 2.55 -2.42 -2.61
H22 AUZ D . 2.60 4.51 1.93
H32 AUZ D . 4.78 4.91 0.88
H42 AUZ D . 5.60 3.40 -0.89
H623 AUZ D . 0.60 3.41 2.02
H622 AUZ D . 0.91 1.65 2.04
H621 AUZ D . 0.10 2.40 0.64
H24 AUZ D . -4.11 0.22 3.31
H34 AUZ D . -5.78 -1.51 2.77
H44 AUZ D . -5.34 -3.11 0.96
H643 AUZ D . -0.73 0.06 2.20
H641 AUZ D . -1.92 0.98 3.16
H642 AUZ D . -1.67 1.37 1.43
H23 AUZ D . -1.84 -5.77 -3.16
H33 AUZ D . -3.99 -6.12 -2.04
H43 AUZ D . -4.78 -4.50 -0.36
H633 AUZ D . 0.01 -2.73 -3.06
H631 AUZ D . -0.07 -4.39 -3.69
H632 AUZ D . 0.73 -4.07 -2.13
#